data_3LWR
#
_entry.id   3LWR
#
_cell.length_a   187.355
_cell.length_b   64.434
_cell.length_c   83.388
_cell.angle_alpha   90.00
_cell.angle_beta   90.00
_cell.angle_gamma   90.00
#
_symmetry.space_group_name_H-M   'P 21 21 2'
#
loop_
_entity.id
_entity.type
_entity.pdbx_description
1 polymer 'Probable tRNA pseudouridine synthase B'
2 polymer 'Ribosome biogenesis protein Nop10'
3 polymer 'Large ribosomal subunit protein eL8'
4 polymer 'H/ACA RNA'
5 polymer "5'-R(*GP*AP*GP*CP*GP*(4SU)P*GP*CP*GP*GP*UP*UP*U)-3'"
6 non-polymer 'ZINC ION'
7 water water
#
loop_
_entity_poly.entity_id
_entity_poly.type
_entity_poly.pdbx_seq_one_letter_code
_entity_poly.pdbx_strand_id
1 'polypeptide(L)'
;MARDEVRRILPADIKREVLIKDENAETNPDWGFPPEKRPIEMHIQFGVINLDKPPGPTSHEVVAWIKKILNLEKAGHGGT
LDPKVSGVLPVALEKATRVVQALLPAGKEYVALMHLHGDVPEDKIIQVMKEFEGEIIQRPPLRSAVKRRLRTRKVYYIEV
LEIEGRDVLFRVGVEAGTYIRSLIHHIGLALGVGAHMSELRRTRSGPFKEDETLITLHDLVDYYYFWKEDGIEEYFRKAI
QPMEKAVEHLPKVWIKDSAVAAVTHGADLAVPGIAKLHAGIKRGDLVAIMTLKDELVALGKAMMTSQEMLEKTKGIAVDV
EKVFMPRDWYPKLWEKRDRS
;
A
2 'polypeptide(L)' MRFRIRKCPKCGRYTLKEVCPVCGEKTKVAHPPRFSPEDPYGEYRRRWKREVLGIGRKEK B
3 'polypeptide(L)'
;MAKPSYVKFEVPKELAEKALQAVEIARDTGKIRKGTNETTKAVERGQAKLVIIAEDVDPEEIVAHLPPLCEEKEIPYIYV
PSKKELGAAAGIEVAAASVAIIEPGKARDLVEEIAMKVKELMK
;
C
4 'polyribonucleotide' GGGCCACGGAAACCGCGCGCGGUGAUCAAUGAGCCGCGUUCGCUCCCGUGGCCCACAA D
5 'polyribonucleotide' GAGCG(4SU)GCGGUUU E
#
# COMPACT_ATOMS: atom_id res chain seq x y z
N ARG A 8 11.33 -16.48 -3.97
CA ARG A 8 11.31 -15.19 -3.28
C ARG A 8 12.40 -14.26 -3.81
N ILE A 9 13.12 -14.73 -4.82
CA ILE A 9 14.18 -13.93 -5.44
C ILE A 9 13.81 -13.55 -6.87
N LEU A 10 13.86 -12.25 -7.16
CA LEU A 10 13.66 -11.71 -8.50
C LEU A 10 15.00 -11.16 -8.98
N PRO A 11 15.15 -10.95 -10.30
CA PRO A 11 16.38 -10.39 -10.86
C PRO A 11 16.79 -9.07 -10.21
N ALA A 12 15.82 -8.23 -9.88
CA ALA A 12 16.12 -6.96 -9.23
C ALA A 12 16.79 -7.11 -7.87
N ASP A 13 16.81 -8.34 -7.35
CA ASP A 13 17.39 -8.59 -6.03
C ASP A 13 18.88 -8.92 -6.11
N ILE A 14 19.46 -8.85 -7.30
CA ILE A 14 20.88 -9.15 -7.45
C ILE A 14 21.73 -8.16 -6.67
N LYS A 15 22.71 -8.66 -5.93
CA LYS A 15 23.66 -7.78 -5.28
C LYS A 15 24.67 -7.33 -6.33
N ARG A 16 24.81 -6.02 -6.50
CA ARG A 16 25.84 -5.50 -7.40
C ARG A 16 27.09 -5.09 -6.62
N GLU A 17 28.24 -5.22 -7.26
CA GLU A 17 29.50 -4.76 -6.68
C GLU A 17 29.83 -3.36 -7.19
N VAL A 18 30.30 -2.49 -6.30
CA VAL A 18 30.76 -1.17 -6.70
C VAL A 18 32.24 -1.19 -7.13
N LEU A 19 32.52 -0.59 -8.28
CA LEU A 19 33.89 -0.46 -8.77
C LEU A 19 34.31 1.00 -8.66
N ILE A 20 35.48 1.23 -8.06
CA ILE A 20 35.96 2.58 -7.84
C ILE A 20 36.78 2.98 -9.05
N LYS A 21 36.37 4.03 -9.74
CA LYS A 21 37.16 4.50 -10.88
C LYS A 21 38.10 5.63 -10.46
N ASP A 22 37.57 6.60 -9.71
CA ASP A 22 38.37 7.72 -9.22
C ASP A 22 38.43 7.79 -7.69
N GLU A 23 39.48 7.22 -7.11
CA GLU A 23 39.68 7.20 -5.66
C GLU A 23 39.51 8.56 -4.96
N ASN A 24 39.92 9.63 -5.64
CA ASN A 24 39.93 10.95 -5.01
C ASN A 24 38.71 11.85 -5.25
N ALA A 25 37.64 11.32 -5.82
CA ALA A 25 36.44 12.12 -6.06
C ALA A 25 35.76 12.50 -4.75
N GLU A 26 35.37 13.76 -4.63
CA GLU A 26 34.67 14.23 -3.44
C GLU A 26 33.54 15.10 -3.88
N THR A 27 32.55 15.26 -3.02
CA THR A 27 31.39 16.06 -3.38
C THR A 27 31.31 17.27 -2.47
N ASN A 28 30.82 18.37 -3.01
CA ASN A 28 30.73 19.64 -2.30
C ASN A 28 29.36 19.75 -1.65
N PRO A 29 29.31 19.79 -0.31
CA PRO A 29 28.04 19.77 0.43
C PRO A 29 27.15 20.96 0.13
N ASP A 30 27.65 21.98 -0.55
CA ASP A 30 26.85 23.18 -0.80
C ASP A 30 26.01 23.06 -2.05
N TRP A 31 26.32 22.07 -2.88
CA TRP A 31 25.62 21.89 -4.15
C TRP A 31 24.63 20.74 -4.07
N GLY A 32 23.52 20.88 -4.79
CA GLY A 32 22.54 19.82 -4.87
C GLY A 32 21.63 19.70 -3.66
N PHE A 33 20.64 18.82 -3.77
CA PHE A 33 19.74 18.54 -2.66
C PHE A 33 19.51 17.03 -2.58
N PRO A 34 20.36 16.34 -1.80
CA PRO A 34 20.18 14.93 -1.42
C PRO A 34 18.86 14.81 -0.68
N PRO A 35 18.17 13.67 -0.82
CA PRO A 35 16.78 13.54 -0.35
C PRO A 35 16.44 14.21 1.00
N GLU A 36 17.28 14.04 2.02
CA GLU A 36 16.94 14.60 3.33
C GLU A 36 17.33 16.07 3.54
N LYS A 37 17.65 16.76 2.46
CA LYS A 37 17.90 18.18 2.52
C LYS A 37 16.81 18.87 1.72
N ARG A 38 15.91 18.05 1.16
CA ARG A 38 14.82 18.59 0.37
C ARG A 38 13.73 19.16 1.27
N PRO A 39 13.41 20.45 1.10
CA PRO A 39 12.27 21.03 1.82
C PRO A 39 11.00 20.27 1.41
N ILE A 40 9.97 20.27 2.23
CA ILE A 40 8.84 19.43 1.92
C ILE A 40 8.34 19.61 0.47
N GLU A 41 8.27 20.86 0.02
CA GLU A 41 7.66 21.17 -1.28
C GLU A 41 8.50 20.62 -2.41
N MET A 42 9.81 20.70 -2.28
CA MET A 42 10.71 20.16 -3.26
C MET A 42 10.63 18.63 -3.23
N HIS A 43 10.52 18.07 -2.02
CA HIS A 43 10.41 16.64 -1.79
C HIS A 43 9.23 16.04 -2.57
N ILE A 44 8.11 16.76 -2.56
CA ILE A 44 6.94 16.35 -3.32
C ILE A 44 7.19 16.42 -4.83
N GLN A 45 7.84 17.50 -5.28
CA GLN A 45 8.10 17.68 -6.71
C GLN A 45 8.91 16.54 -7.27
N PHE A 46 9.75 15.93 -6.44
CA PHE A 46 10.57 14.83 -6.90
C PHE A 46 10.22 13.58 -6.11
N GLY A 47 8.93 13.39 -5.90
CA GLY A 47 8.46 12.34 -5.03
C GLY A 47 7.73 11.19 -5.70
N VAL A 48 7.72 10.08 -5.00
CA VAL A 48 7.02 8.87 -5.43
C VAL A 48 6.32 8.24 -4.24
N ILE A 49 5.05 7.88 -4.43
CA ILE A 49 4.26 7.31 -3.36
C ILE A 49 4.19 5.79 -3.55
N ASN A 50 4.44 5.05 -2.48
CA ASN A 50 4.33 3.59 -2.54
C ASN A 50 2.91 3.27 -2.11
N LEU A 51 1.94 3.39 -3.02
CA LEU A 51 0.52 3.36 -2.62
C LEU A 51 -0.03 1.95 -2.46
N ASP A 52 -0.77 1.72 -1.38
CA ASP A 52 -1.54 0.48 -1.23
C ASP A 52 -2.95 0.66 -1.85
N LYS A 53 -3.08 0.36 -3.14
CA LYS A 53 -4.37 0.51 -3.80
C LYS A 53 -5.43 -0.37 -3.13
N PRO A 54 -6.62 0.20 -2.91
CA PRO A 54 -7.78 -0.54 -2.36
C PRO A 54 -8.48 -1.26 -3.50
N PRO A 55 -9.18 -2.37 -3.18
CA PRO A 55 -10.03 -2.96 -4.22
C PRO A 55 -11.20 -2.02 -4.56
N GLY A 56 -11.69 -2.05 -5.79
CA GLY A 56 -12.82 -1.22 -6.19
C GLY A 56 -12.49 -0.31 -7.37
N PRO A 57 -11.84 0.84 -7.12
CA PRO A 57 -11.54 1.80 -8.19
C PRO A 57 -10.50 1.28 -9.18
N THR A 58 -10.44 1.85 -10.39
CA THR A 58 -9.33 1.54 -11.29
C THR A 58 -8.08 2.25 -10.79
N SER A 59 -6.93 1.86 -11.34
CA SER A 59 -5.67 2.53 -11.03
C SER A 59 -5.67 3.99 -11.47
N HIS A 60 -6.25 4.27 -12.64
CA HIS A 60 -6.24 5.63 -13.15
C HIS A 60 -7.05 6.53 -12.24
N GLU A 61 -8.20 6.03 -11.81
CA GLU A 61 -9.08 6.78 -10.93
C GLU A 61 -8.37 7.14 -9.62
N VAL A 62 -7.71 6.15 -9.03
CA VAL A 62 -6.96 6.37 -7.81
C VAL A 62 -5.95 7.52 -7.95
N VAL A 63 -5.27 7.62 -9.10
CA VAL A 63 -4.30 8.70 -9.32
C VAL A 63 -4.98 10.04 -9.53
N ALA A 64 -6.13 10.01 -10.19
CA ALA A 64 -6.95 11.22 -10.33
C ALA A 64 -7.34 11.75 -8.95
N TRP A 65 -7.76 10.86 -8.05
CA TRP A 65 -8.06 11.29 -6.69
C TRP A 65 -6.86 11.91 -5.97
N ILE A 66 -5.69 11.31 -6.13
CA ILE A 66 -4.48 11.80 -5.47
C ILE A 66 -4.13 13.22 -5.94
N LYS A 67 -4.24 13.47 -7.24
CA LYS A 67 -3.93 14.76 -7.82
C LYS A 67 -4.90 15.85 -7.36
N LYS A 68 -6.18 15.53 -7.31
CA LYS A 68 -7.18 16.45 -6.79
C LYS A 68 -6.93 16.74 -5.32
N ILE A 69 -6.80 15.70 -4.51
CA ILE A 69 -6.73 15.91 -3.07
C ILE A 69 -5.43 16.59 -2.64
N LEU A 70 -4.31 16.19 -3.24
CA LEU A 70 -3.02 16.76 -2.90
C LEU A 70 -2.67 17.99 -3.74
N ASN A 71 -3.62 18.46 -4.55
CA ASN A 71 -3.40 19.64 -5.40
C ASN A 71 -2.15 19.52 -6.26
N LEU A 72 -1.98 18.37 -6.91
CA LEU A 72 -0.82 18.18 -7.77
C LEU A 72 -1.24 18.51 -9.18
N GLU A 73 -0.28 18.91 -10.00
CA GLU A 73 -0.55 19.16 -11.41
C GLU A 73 -0.43 17.87 -12.21
N LYS A 74 0.49 17.00 -11.79
CA LYS A 74 0.80 15.79 -12.55
C LYS A 74 1.18 14.62 -11.65
N ALA A 75 0.88 13.40 -12.11
CA ALA A 75 1.26 12.16 -11.42
C ALA A 75 0.95 10.98 -12.32
N GLY A 76 1.67 9.88 -12.14
CA GLY A 76 1.50 8.73 -12.98
C GLY A 76 1.85 7.51 -12.18
N HIS A 77 1.11 6.43 -12.39
CA HIS A 77 1.35 5.20 -11.65
C HIS A 77 2.13 4.20 -12.51
N GLY A 78 2.64 3.15 -11.90
CA GLY A 78 3.40 2.13 -12.61
C GLY A 78 2.44 1.09 -13.14
N GLY A 79 2.81 -0.18 -13.02
CA GLY A 79 2.02 -1.25 -13.59
C GLY A 79 0.56 -1.17 -13.19
N THR A 80 -0.34 -0.97 -14.16
CA THR A 80 -1.76 -0.88 -13.84
C THR A 80 -2.23 -2.09 -13.02
N LEU A 81 -2.92 -1.83 -11.92
CA LEU A 81 -3.62 -2.90 -11.21
C LEU A 81 -5.09 -2.83 -11.60
N ASP A 82 -5.69 -4.01 -11.76
CA ASP A 82 -7.11 -4.11 -12.07
C ASP A 82 -7.98 -3.70 -10.90
N PRO A 83 -9.22 -3.26 -11.20
CA PRO A 83 -10.16 -2.70 -10.23
C PRO A 83 -10.28 -3.50 -8.93
N LYS A 84 -10.39 -4.82 -9.01
CA LYS A 84 -10.57 -5.64 -7.80
C LYS A 84 -9.28 -5.94 -7.03
N VAL A 85 -8.13 -5.58 -7.60
CA VAL A 85 -6.84 -5.99 -7.04
C VAL A 85 -6.28 -4.94 -6.06
N SER A 86 -5.69 -5.38 -4.96
CA SER A 86 -5.13 -4.43 -3.99
C SER A 86 -3.61 -4.46 -4.05
N GLY A 87 -2.96 -3.54 -3.35
CA GLY A 87 -1.52 -3.63 -3.17
C GLY A 87 -0.65 -2.63 -3.89
N VAL A 88 0.61 -3.01 -4.07
CA VAL A 88 1.65 -2.05 -4.39
C VAL A 88 1.39 -1.38 -5.72
N LEU A 89 1.17 -0.06 -5.66
CA LEU A 89 0.99 0.75 -6.85
C LEU A 89 1.84 2.02 -6.72
N PRO A 90 3.05 2.01 -7.31
CA PRO A 90 3.89 3.20 -7.23
C PRO A 90 3.22 4.38 -7.93
N VAL A 91 3.18 5.54 -7.30
CA VAL A 91 2.61 6.73 -7.94
C VAL A 91 3.67 7.84 -7.96
N ALA A 92 4.26 8.08 -9.12
CA ALA A 92 5.31 9.09 -9.28
C ALA A 92 4.68 10.48 -9.49
N LEU A 93 5.15 11.48 -8.75
CA LEU A 93 4.52 12.80 -8.74
C LEU A 93 5.29 13.87 -9.52
N GLU A 94 4.55 14.81 -10.08
CA GLU A 94 5.14 16.04 -10.63
C GLU A 94 6.36 15.75 -11.49
N LYS A 95 7.51 16.27 -11.08
CA LYS A 95 8.73 16.14 -11.88
C LYS A 95 9.36 14.75 -11.83
N ALA A 96 8.97 13.93 -10.87
CA ALA A 96 9.42 12.54 -10.85
C ALA A 96 8.58 11.61 -11.75
N THR A 97 7.49 12.14 -12.34
CA THR A 97 6.51 11.32 -13.08
C THR A 97 7.11 10.37 -14.11
N ARG A 98 8.06 10.86 -14.88
CA ARG A 98 8.66 10.04 -15.91
C ARG A 98 9.48 8.87 -15.38
N VAL A 99 9.79 8.84 -14.08
CA VAL A 99 10.54 7.69 -13.57
C VAL A 99 9.77 6.37 -13.59
N VAL A 100 8.45 6.41 -13.83
CA VAL A 100 7.70 5.15 -13.87
C VAL A 100 8.26 4.31 -14.99
N GLN A 101 8.85 4.97 -15.99
CA GLN A 101 9.40 4.22 -17.11
C GLN A 101 10.52 3.25 -16.66
N ALA A 102 11.08 3.49 -15.47
CA ALA A 102 12.11 2.59 -14.95
C ALA A 102 11.50 1.41 -14.22
N LEU A 103 10.25 1.56 -13.80
CA LEU A 103 9.54 0.54 -13.01
C LEU A 103 8.73 -0.44 -13.85
N LEU A 104 8.16 0.05 -14.94
CA LEU A 104 7.24 -0.75 -15.76
C LEU A 104 7.80 -2.12 -16.11
N PRO A 105 9.07 -2.19 -16.55
CA PRO A 105 9.79 -3.41 -16.91
C PRO A 105 10.30 -4.25 -15.72
N ALA A 106 10.08 -3.81 -14.49
CA ALA A 106 10.63 -4.55 -13.34
C ALA A 106 9.71 -5.69 -12.92
N GLY A 107 10.29 -6.74 -12.34
CA GLY A 107 9.53 -7.87 -11.82
C GLY A 107 8.44 -7.49 -10.84
N LYS A 108 7.49 -8.39 -10.64
CA LYS A 108 6.38 -8.16 -9.71
C LYS A 108 6.13 -9.39 -8.83
N GLU A 109 5.56 -9.18 -7.67
CA GLU A 109 5.15 -10.32 -6.86
C GLU A 109 3.71 -10.12 -6.42
N TYR A 110 2.98 -11.23 -6.30
CA TYR A 110 1.57 -11.23 -5.91
C TYR A 110 1.29 -12.34 -4.92
N VAL A 111 0.29 -12.13 -4.06
CA VAL A 111 -0.30 -13.22 -3.30
C VAL A 111 -1.66 -13.40 -3.94
N ALA A 112 -2.01 -14.63 -4.30
CA ALA A 112 -3.26 -14.85 -5.02
C ALA A 112 -4.06 -15.96 -4.38
N LEU A 113 -5.39 -15.85 -4.46
CA LEU A 113 -6.25 -16.93 -4.02
C LEU A 113 -6.91 -17.59 -5.24
N MET A 114 -6.61 -18.87 -5.46
CA MET A 114 -7.21 -19.62 -6.56
C MET A 114 -8.35 -20.53 -6.06
N HIS A 115 -9.48 -20.52 -6.77
CA HIS A 115 -10.58 -21.42 -6.45
C HIS A 115 -10.74 -22.50 -7.54
N LEU A 116 -10.42 -23.74 -7.19
CA LEU A 116 -10.55 -24.87 -8.13
C LEU A 116 -12.02 -25.19 -8.30
N HIS A 117 -12.38 -25.73 -9.46
CA HIS A 117 -13.77 -26.06 -9.73
C HIS A 117 -14.08 -27.52 -9.49
N GLY A 118 -13.10 -28.27 -9.00
CA GLY A 118 -13.31 -29.67 -8.65
C GLY A 118 -12.31 -30.08 -7.59
N ASP A 119 -12.53 -31.23 -6.96
CA ASP A 119 -11.63 -31.68 -5.89
C ASP A 119 -10.31 -32.25 -6.43
N VAL A 120 -9.22 -31.81 -5.85
CA VAL A 120 -7.88 -32.27 -6.18
C VAL A 120 -7.10 -32.43 -4.88
N PRO A 121 -6.34 -33.52 -4.77
CA PRO A 121 -5.43 -33.76 -3.64
C PRO A 121 -4.43 -32.63 -3.46
N GLU A 122 -4.12 -32.24 -2.22
CA GLU A 122 -3.13 -31.16 -1.97
C GLU A 122 -1.79 -31.43 -2.65
N ASP A 123 -1.33 -32.68 -2.61
CA ASP A 123 -0.02 -32.98 -3.15
C ASP A 123 0.07 -32.76 -4.68
N LYS A 124 -0.98 -33.16 -5.39
CA LYS A 124 -1.02 -32.98 -6.84
C LYS A 124 -1.12 -31.49 -7.18
N ILE A 125 -1.94 -30.75 -6.42
CA ILE A 125 -2.06 -29.30 -6.63
C ILE A 125 -0.69 -28.69 -6.54
N ILE A 126 0.01 -28.98 -5.44
CA ILE A 126 1.34 -28.44 -5.23
C ILE A 126 2.28 -28.88 -6.33
N GLN A 127 2.33 -30.19 -6.59
CA GLN A 127 3.25 -30.73 -7.59
C GLN A 127 3.01 -30.12 -8.96
N VAL A 128 1.74 -29.98 -9.32
CA VAL A 128 1.41 -29.45 -10.64
C VAL A 128 1.69 -27.93 -10.77
N MET A 129 1.46 -27.17 -9.70
CA MET A 129 1.79 -25.75 -9.74
C MET A 129 3.28 -25.53 -9.88
N LYS A 130 4.09 -26.33 -9.20
CA LYS A 130 5.53 -26.19 -9.25
C LYS A 130 6.04 -26.24 -10.71
N GLU A 131 5.37 -27.03 -11.54
CA GLU A 131 5.73 -27.15 -12.96
C GLU A 131 5.66 -25.82 -13.71
N PHE A 132 4.92 -24.86 -13.18
CA PHE A 132 4.78 -23.59 -13.87
C PHE A 132 5.94 -22.60 -13.66
N GLU A 133 6.81 -22.85 -12.69
CA GLU A 133 8.01 -22.03 -12.56
C GLU A 133 8.80 -22.13 -13.86
N GLY A 134 9.50 -21.06 -14.23
CA GLY A 134 10.19 -21.00 -15.51
C GLY A 134 9.32 -20.35 -16.58
N GLU A 135 9.62 -20.60 -17.84
CA GLU A 135 8.91 -19.92 -18.92
C GLU A 135 7.46 -20.40 -19.06
N ILE A 136 6.57 -19.48 -19.40
CA ILE A 136 5.20 -19.83 -19.76
C ILE A 136 4.74 -18.97 -20.93
N ILE A 137 3.83 -19.52 -21.74
CA ILE A 137 3.27 -18.79 -22.85
C ILE A 137 1.82 -18.49 -22.53
N GLN A 138 1.41 -17.23 -22.68
CA GLN A 138 0.01 -16.90 -22.43
C GLN A 138 -0.59 -15.97 -23.50
N ARG A 139 -1.92 -15.98 -23.62
CA ARG A 139 -2.61 -15.10 -24.55
C ARG A 139 -2.58 -13.64 -24.08
N LEU A 150 0.16 -13.78 -28.71
CA LEU A 150 0.88 -14.88 -28.08
C LEU A 150 2.28 -14.42 -27.66
N ARG A 151 2.62 -14.61 -26.39
CA ARG A 151 3.88 -14.09 -25.86
C ARG A 151 4.45 -14.92 -24.71
N THR A 152 5.78 -14.93 -24.58
CA THR A 152 6.42 -15.71 -23.53
C THR A 152 6.77 -14.84 -22.32
N ARG A 153 6.68 -15.44 -21.14
CA ARG A 153 6.76 -14.71 -19.88
C ARG A 153 7.37 -15.62 -18.81
N LYS A 154 8.26 -15.07 -17.97
CA LYS A 154 8.90 -15.86 -16.93
C LYS A 154 8.13 -15.91 -15.60
N VAL A 155 8.08 -17.08 -15.00
CA VAL A 155 7.58 -17.19 -13.65
C VAL A 155 8.77 -17.55 -12.80
N TYR A 156 9.24 -16.60 -11.98
CA TYR A 156 10.48 -16.80 -11.22
C TYR A 156 10.30 -17.76 -10.08
N TYR A 157 9.12 -17.75 -9.46
CA TYR A 157 8.83 -18.69 -8.39
C TYR A 157 7.36 -18.75 -8.07
N ILE A 158 6.95 -19.89 -7.51
CA ILE A 158 5.59 -20.08 -7.00
C ILE A 158 5.65 -20.78 -5.67
N GLU A 159 4.96 -20.25 -4.68
CA GLU A 159 4.98 -20.88 -3.37
C GLU A 159 3.57 -21.06 -2.86
N VAL A 160 3.14 -22.31 -2.73
CA VAL A 160 1.85 -22.55 -2.10
C VAL A 160 1.94 -22.35 -0.59
N LEU A 161 1.10 -21.45 -0.06
CA LEU A 161 1.10 -21.13 1.35
C LEU A 161 0.14 -22.04 2.10
N GLU A 162 -1.10 -22.08 1.63
CA GLU A 162 -2.15 -22.88 2.25
C GLU A 162 -3.20 -23.34 1.25
N ILE A 163 -3.69 -24.56 1.45
CA ILE A 163 -4.83 -25.09 0.71
C ILE A 163 -5.97 -25.43 1.66
N GLU A 164 -7.17 -24.93 1.38
CA GLU A 164 -8.36 -25.33 2.11
C GLU A 164 -9.39 -25.86 1.11
N GLY A 165 -9.43 -27.17 0.90
CA GLY A 165 -10.33 -27.75 -0.07
C GLY A 165 -10.02 -27.28 -1.47
N ARG A 166 -10.96 -26.55 -2.07
CA ARG A 166 -10.73 -26.01 -3.42
C ARG A 166 -10.03 -24.65 -3.40
N ASP A 167 -9.72 -24.12 -2.21
CA ASP A 167 -9.09 -22.80 -2.14
C ASP A 167 -7.59 -22.89 -1.95
N VAL A 168 -6.85 -22.29 -2.88
CA VAL A 168 -5.42 -22.41 -2.88
C VAL A 168 -4.80 -21.03 -2.77
N LEU A 169 -4.09 -20.80 -1.66
CA LEU A 169 -3.45 -19.50 -1.43
C LEU A 169 -1.98 -19.60 -1.80
N PHE A 170 -1.54 -18.78 -2.74
CA PHE A 170 -0.13 -18.85 -3.11
C PHE A 170 0.52 -17.52 -3.41
N ARG A 171 1.84 -17.52 -3.40
CA ARG A 171 2.66 -16.35 -3.77
C ARG A 171 3.33 -16.67 -5.08
N VAL A 172 3.55 -15.66 -5.91
CA VAL A 172 4.17 -15.88 -7.20
C VAL A 172 4.96 -14.65 -7.63
N GLY A 173 6.18 -14.87 -8.11
CA GLY A 173 6.98 -13.77 -8.61
C GLY A 173 7.04 -13.90 -10.11
N VAL A 174 6.84 -12.82 -10.84
CA VAL A 174 6.73 -12.93 -12.29
C VAL A 174 7.38 -11.77 -13.02
N GLU A 175 7.57 -11.95 -14.31
CA GLU A 175 8.12 -10.92 -15.17
C GLU A 175 6.98 -9.91 -15.40
N ALA A 176 7.34 -8.63 -15.57
CA ALA A 176 6.37 -7.59 -15.93
C ALA A 176 5.48 -8.05 -17.08
N GLY A 177 4.19 -7.75 -17.02
CA GLY A 177 3.31 -8.14 -18.10
C GLY A 177 2.66 -9.52 -17.96
N THR A 178 3.09 -10.33 -16.99
CA THR A 178 2.45 -11.63 -16.76
C THR A 178 1.07 -11.43 -16.16
N TYR A 179 0.07 -12.10 -16.73
CA TYR A 179 -1.28 -12.03 -16.17
C TYR A 179 -1.48 -13.17 -15.18
N ILE A 180 -1.70 -12.84 -13.91
CA ILE A 180 -1.94 -13.89 -12.93
C ILE A 180 -3.26 -14.62 -13.21
N ARG A 181 -4.26 -13.90 -13.71
CA ARG A 181 -5.55 -14.54 -14.08
C ARG A 181 -5.30 -15.71 -15.01
N SER A 182 -4.53 -15.45 -16.05
CA SER A 182 -4.35 -16.42 -17.10
C SER A 182 -3.51 -17.58 -16.59
N LEU A 183 -2.49 -17.27 -15.79
CA LEU A 183 -1.72 -18.29 -15.09
C LEU A 183 -2.65 -19.23 -14.31
N ILE A 184 -3.55 -18.65 -13.53
CA ILE A 184 -4.45 -19.44 -12.71
C ILE A 184 -5.36 -20.29 -13.60
N HIS A 185 -5.85 -19.69 -14.67
CA HIS A 185 -6.66 -20.45 -15.63
C HIS A 185 -5.90 -21.66 -16.17
N HIS A 186 -4.64 -21.47 -16.58
CA HIS A 186 -3.80 -22.57 -17.10
C HIS A 186 -3.50 -23.63 -16.04
N ILE A 187 -3.36 -23.20 -14.79
CA ILE A 187 -3.22 -24.19 -13.73
C ILE A 187 -4.48 -25.06 -13.63
N GLY A 188 -5.65 -24.44 -13.75
CA GLY A 188 -6.91 -25.16 -13.66
C GLY A 188 -7.02 -26.22 -14.74
N LEU A 189 -6.55 -25.89 -15.94
CA LEU A 189 -6.54 -26.83 -17.05
C LEU A 189 -5.52 -27.94 -16.84
N ALA A 190 -4.35 -27.61 -16.29
CA ALA A 190 -3.37 -28.67 -16.06
C ALA A 190 -3.89 -29.69 -15.04
N LEU A 191 -4.75 -29.24 -14.14
CA LEU A 191 -5.34 -30.11 -13.12
C LEU A 191 -6.62 -30.76 -13.62
N GLY A 192 -7.17 -30.24 -14.71
CA GLY A 192 -8.34 -30.82 -15.33
C GLY A 192 -9.66 -30.31 -14.80
N VAL A 193 -9.73 -30.06 -13.50
CA VAL A 193 -10.99 -29.58 -12.93
C VAL A 193 -11.27 -28.11 -13.26
N GLY A 194 -10.25 -27.39 -13.71
CA GLY A 194 -10.38 -25.95 -13.96
C GLY A 194 -10.33 -25.13 -12.68
N ALA A 195 -10.13 -23.82 -12.83
CA ALA A 195 -9.96 -22.89 -11.72
C ALA A 195 -10.18 -21.45 -12.16
N HIS A 196 -10.53 -20.58 -11.22
CA HIS A 196 -10.49 -19.14 -11.49
C HIS A 196 -9.82 -18.42 -10.32
N MET A 197 -9.43 -17.17 -10.56
CA MET A 197 -8.80 -16.33 -9.56
C MET A 197 -9.88 -15.60 -8.77
N SER A 198 -9.94 -15.82 -7.47
CA SER A 198 -10.97 -15.19 -6.67
C SER A 198 -10.48 -13.95 -5.91
N GLU A 199 -9.16 -13.80 -5.77
CA GLU A 199 -8.61 -12.67 -5.01
C GLU A 199 -7.13 -12.46 -5.39
N LEU A 200 -6.71 -11.20 -5.54
CA LEU A 200 -5.34 -10.88 -5.94
C LEU A 200 -4.81 -9.66 -5.22
N ARG A 201 -3.55 -9.73 -4.80
CA ARG A 201 -2.92 -8.61 -4.14
C ARG A 201 -1.46 -8.53 -4.57
N ARG A 202 -1.05 -7.39 -5.12
CA ARG A 202 0.34 -7.17 -5.47
C ARG A 202 1.15 -6.77 -4.25
N THR A 203 2.20 -7.53 -3.96
CA THR A 203 3.03 -7.29 -2.78
C THR A 203 4.40 -6.72 -3.14
N ARG A 204 4.71 -6.64 -4.42
CA ARG A 204 5.95 -6.02 -4.83
C ARG A 204 5.98 -5.62 -6.30
N SER A 205 6.52 -4.43 -6.55
CA SER A 205 6.83 -4.02 -7.91
C SER A 205 8.18 -3.35 -7.95
N GLY A 206 9.17 -4.04 -8.51
CA GLY A 206 10.52 -3.57 -8.52
C GLY A 206 11.02 -3.30 -7.11
N PRO A 207 11.50 -2.08 -6.87
CA PRO A 207 12.05 -1.68 -5.57
C PRO A 207 10.94 -1.39 -4.56
N PHE A 208 9.68 -1.34 -5.00
CA PHE A 208 8.57 -1.05 -4.10
C PHE A 208 7.99 -2.36 -3.51
N LYS A 209 7.89 -2.42 -2.20
CA LYS A 209 7.52 -3.65 -1.52
C LYS A 209 6.59 -3.32 -0.39
N GLU A 210 6.15 -4.34 0.32
CA GLU A 210 5.27 -4.15 1.47
C GLU A 210 6.07 -3.84 2.72
N ASP A 211 6.38 -2.57 2.93
CA ASP A 211 7.11 -2.18 4.12
C ASP A 211 6.44 -0.97 4.73
N GLU A 212 7.16 -0.27 5.61
CA GLU A 212 6.57 0.89 6.28
C GLU A 212 6.23 2.03 5.30
N THR A 213 6.85 2.06 4.13
CA THR A 213 6.53 3.09 3.16
C THR A 213 5.20 2.84 2.43
N LEU A 214 4.70 1.61 2.50
CA LEU A 214 3.47 1.27 1.77
C LEU A 214 2.33 1.94 2.50
N ILE A 215 1.65 2.88 1.85
CA ILE A 215 0.67 3.67 2.55
C ILE A 215 -0.68 3.66 1.86
N THR A 216 -1.75 3.52 2.66
CA THR A 216 -3.12 3.58 2.19
C THR A 216 -3.57 5.00 1.84
N LEU A 217 -4.70 5.09 1.12
CA LEU A 217 -5.24 6.39 0.72
C LEU A 217 -5.64 7.20 1.94
N HIS A 218 -6.19 6.53 2.95
CA HIS A 218 -6.65 7.21 4.15
C HIS A 218 -5.48 7.86 4.86
N ASP A 219 -4.38 7.14 5.02
CA ASP A 219 -3.22 7.67 5.69
C ASP A 219 -2.61 8.79 4.86
N LEU A 220 -2.51 8.56 3.56
CA LEU A 220 -2.00 9.57 2.62
C LEU A 220 -2.75 10.87 2.73
N VAL A 221 -4.08 10.83 2.64
CA VAL A 221 -4.78 12.10 2.69
C VAL A 221 -4.80 12.69 4.09
N ASP A 222 -4.88 11.83 5.12
CA ASP A 222 -4.90 12.35 6.49
C ASP A 222 -3.57 13.03 6.82
N TYR A 223 -2.46 12.40 6.43
CA TYR A 223 -1.13 12.94 6.66
C TYR A 223 -0.97 14.25 5.92
N TYR A 224 -1.52 14.31 4.70
CA TYR A 224 -1.51 15.53 3.93
C TYR A 224 -2.13 16.69 4.71
N TYR A 225 -3.36 16.50 5.20
CA TYR A 225 -4.05 17.50 6.00
C TYR A 225 -3.34 17.83 7.31
N PHE A 226 -2.75 16.81 7.94
CA PHE A 226 -1.95 17.05 9.14
C PHE A 226 -0.82 18.03 8.81
N TRP A 227 -0.31 17.95 7.58
CA TRP A 227 0.65 18.95 7.10
C TRP A 227 0.02 20.31 6.76
N LYS A 228 -0.88 20.34 5.79
CA LYS A 228 -1.45 21.61 5.33
C LYS A 228 -2.27 22.36 6.40
N GLU A 229 -3.02 21.63 7.21
CA GLU A 229 -4.01 22.24 8.09
C GLU A 229 -3.58 22.30 9.56
N ASP A 230 -2.73 21.36 9.98
CA ASP A 230 -2.26 21.31 11.36
C ASP A 230 -0.82 21.83 11.48
N GLY A 231 -0.11 21.93 10.37
CA GLY A 231 1.28 22.38 10.39
C GLY A 231 2.28 21.30 10.78
N ILE A 232 1.87 20.03 10.71
CA ILE A 232 2.77 18.92 11.01
C ILE A 232 3.28 18.26 9.74
N GLU A 233 4.57 18.42 9.48
CA GLU A 233 5.11 18.00 8.19
C GLU A 233 5.61 16.55 8.22
N GLU A 234 5.90 16.06 9.42
CA GLU A 234 6.54 14.76 9.62
C GLU A 234 5.84 13.56 8.97
N TYR A 235 4.51 13.47 9.12
CA TYR A 235 3.85 12.28 8.61
C TYR A 235 3.77 12.29 7.09
N PHE A 236 3.44 13.45 6.53
CA PHE A 236 3.32 13.52 5.10
C PHE A 236 4.67 13.35 4.43
N ARG A 237 5.73 13.85 5.08
CA ARG A 237 7.05 13.71 4.51
C ARG A 237 7.42 12.23 4.38
N LYS A 238 7.07 11.44 5.38
CA LYS A 238 7.30 9.98 5.35
C LYS A 238 6.38 9.22 4.38
N ALA A 239 5.24 9.81 4.04
CA ALA A 239 4.33 9.20 3.06
C ALA A 239 4.90 9.27 1.65
N ILE A 240 5.85 10.18 1.43
CA ILE A 240 6.44 10.38 0.11
C ILE A 240 7.88 9.90 0.04
N GLN A 241 8.20 9.09 -0.96
CA GLN A 241 9.58 8.60 -1.12
C GLN A 241 10.30 9.45 -2.13
N PRO A 242 11.62 9.66 -1.92
CA PRO A 242 12.38 10.41 -2.92
C PRO A 242 12.36 9.60 -4.21
N MET A 243 12.39 10.29 -5.35
CA MET A 243 12.36 9.58 -6.62
C MET A 243 13.51 8.59 -6.73
N GLU A 244 14.59 8.81 -5.99
CA GLU A 244 15.74 7.90 -6.05
C GLU A 244 15.30 6.47 -5.75
N LYS A 245 14.28 6.32 -4.93
CA LYS A 245 13.78 4.99 -4.56
C LYS A 245 13.37 4.17 -5.79
N ALA A 246 12.76 4.83 -6.78
CA ALA A 246 12.28 4.18 -8.01
C ALA A 246 13.43 3.70 -8.87
N VAL A 247 14.66 3.92 -8.42
CA VAL A 247 15.80 3.59 -9.27
C VAL A 247 16.74 2.62 -8.58
N GLU A 248 16.36 2.22 -7.37
CA GLU A 248 17.17 1.34 -6.53
C GLU A 248 17.52 0.01 -7.18
N HIS A 249 16.66 -0.48 -8.07
CA HIS A 249 16.91 -1.76 -8.71
C HIS A 249 17.85 -1.70 -9.91
N LEU A 250 18.16 -0.48 -10.39
CA LEU A 250 18.98 -0.32 -11.61
C LEU A 250 20.49 -0.27 -11.35
N PRO A 251 21.28 -0.66 -12.35
CA PRO A 251 22.74 -0.46 -12.24
C PRO A 251 23.03 1.04 -12.22
N LYS A 252 23.99 1.48 -11.42
CA LYS A 252 24.26 2.90 -11.34
C LYS A 252 25.67 3.26 -11.77
N VAL A 253 25.84 4.46 -12.30
CA VAL A 253 27.14 5.06 -12.37
C VAL A 253 27.07 6.39 -11.63
N TRP A 254 28.01 6.60 -10.73
CA TRP A 254 28.04 7.81 -9.93
C TRP A 254 29.05 8.76 -10.57
N ILE A 255 28.68 10.02 -10.70
CA ILE A 255 29.55 11.00 -11.38
C ILE A 255 30.05 12.13 -10.48
N LYS A 256 31.15 12.76 -10.89
CA LYS A 256 31.78 13.84 -10.15
C LYS A 256 30.96 15.11 -10.26
N ASP A 257 31.06 15.98 -9.25
CA ASP A 257 30.31 17.24 -9.24
C ASP A 257 30.51 17.99 -10.54
N SER A 258 31.73 17.90 -11.07
CA SER A 258 32.14 18.66 -12.24
C SER A 258 31.47 18.23 -13.55
N ALA A 259 30.84 17.05 -13.56
CA ALA A 259 30.11 16.59 -14.76
C ALA A 259 28.59 16.75 -14.66
N VAL A 260 28.10 17.03 -13.45
CA VAL A 260 26.66 16.96 -13.16
C VAL A 260 25.81 18.00 -13.90
N ALA A 261 26.26 19.26 -13.91
CA ALA A 261 25.49 20.29 -14.62
C ALA A 261 25.47 20.06 -16.15
N ALA A 262 26.60 19.59 -16.68
CA ALA A 262 26.69 19.22 -18.08
C ALA A 262 25.61 18.20 -18.43
N VAL A 263 25.55 17.10 -17.67
CA VAL A 263 24.56 16.05 -17.91
C VAL A 263 23.13 16.59 -17.83
N THR A 264 22.84 17.43 -16.82
CA THR A 264 21.51 18.03 -16.74
C THR A 264 21.21 18.95 -17.93
N HIS A 265 22.24 19.39 -18.66
CA HIS A 265 22.06 20.23 -19.84
C HIS A 265 22.05 19.43 -21.14
N GLY A 266 21.98 18.10 -21.02
CA GLY A 266 21.87 17.26 -22.19
C GLY A 266 23.19 16.71 -22.71
N ALA A 267 24.30 16.96 -22.01
CA ALA A 267 25.55 16.30 -22.39
C ALA A 267 25.47 14.80 -22.09
N ASP A 268 25.98 13.98 -23.00
CA ASP A 268 26.22 12.58 -22.68
C ASP A 268 27.31 12.49 -21.62
N LEU A 269 27.33 11.36 -20.90
CA LEU A 269 28.32 11.19 -19.86
C LEU A 269 29.59 10.55 -20.41
N ALA A 270 30.69 11.28 -20.38
CA ALA A 270 31.96 10.74 -20.85
C ALA A 270 32.72 10.09 -19.71
N VAL A 271 33.54 9.11 -20.07
CA VAL A 271 34.34 8.34 -19.11
C VAL A 271 35.07 9.18 -18.04
N PRO A 272 35.70 10.30 -18.42
CA PRO A 272 36.39 11.15 -17.43
C PRO A 272 35.47 11.70 -16.31
N GLY A 273 34.16 11.53 -16.44
CA GLY A 273 33.24 12.08 -15.47
C GLY A 273 32.79 11.11 -14.38
N ILE A 274 33.29 9.88 -14.42
CA ILE A 274 32.82 8.82 -13.53
C ILE A 274 33.68 8.64 -12.27
N ALA A 275 33.02 8.61 -11.11
CA ALA A 275 33.70 8.38 -9.85
C ALA A 275 33.77 6.90 -9.52
N LYS A 276 32.64 6.22 -9.69
CA LYS A 276 32.51 4.79 -9.42
C LYS A 276 31.26 4.29 -10.13
N LEU A 277 31.11 2.97 -10.20
CA LEU A 277 30.02 2.41 -10.99
C LEU A 277 29.80 0.96 -10.61
N HIS A 278 28.60 0.46 -10.85
CA HIS A 278 28.31 -0.95 -10.61
C HIS A 278 29.02 -1.84 -11.62
N ALA A 279 29.43 -3.01 -11.17
CA ALA A 279 29.99 -4.02 -12.05
C ALA A 279 28.85 -4.66 -12.84
N GLY A 280 29.19 -5.39 -13.89
CA GLY A 280 28.20 -6.14 -14.64
C GLY A 280 27.37 -5.37 -15.64
N ILE A 281 27.70 -4.10 -15.87
CA ILE A 281 26.99 -3.31 -16.87
C ILE A 281 27.35 -3.74 -18.28
N LYS A 282 26.35 -4.13 -19.07
CA LYS A 282 26.56 -4.48 -20.46
C LYS A 282 26.11 -3.33 -21.37
N ARG A 283 26.63 -3.29 -22.59
CA ARG A 283 26.23 -2.28 -23.56
C ARG A 283 24.74 -2.38 -23.83
N GLY A 284 24.07 -1.23 -23.86
CA GLY A 284 22.63 -1.20 -24.07
C GLY A 284 21.78 -1.24 -22.81
N ASP A 285 22.40 -1.47 -21.65
CA ASP A 285 21.68 -1.50 -20.37
C ASP A 285 21.10 -0.14 -19.99
N LEU A 286 19.94 -0.16 -19.34
CA LEU A 286 19.40 1.02 -18.70
C LEU A 286 20.18 1.26 -17.42
N VAL A 287 20.74 2.46 -17.25
CA VAL A 287 21.46 2.77 -16.03
C VAL A 287 20.97 4.08 -15.41
N ALA A 288 21.15 4.21 -14.10
CA ALA A 288 20.84 5.46 -13.45
C ALA A 288 22.14 6.19 -13.19
N ILE A 289 22.21 7.43 -13.66
CA ILE A 289 23.33 8.30 -13.36
C ILE A 289 23.06 9.07 -12.06
N MET A 290 23.88 8.81 -11.05
CA MET A 290 23.70 9.43 -9.72
C MET A 290 24.86 10.37 -9.38
N THR A 291 24.59 11.38 -8.55
CA THR A 291 25.67 12.15 -7.95
C THR A 291 26.27 11.39 -6.78
N LEU A 292 27.38 11.91 -6.28
CA LEU A 292 28.09 11.30 -5.15
C LEU A 292 27.30 11.47 -3.83
N LYS A 293 26.27 12.30 -3.85
CA LYS A 293 25.30 12.38 -2.76
C LYS A 293 24.10 11.42 -2.99
N ASP A 294 24.19 10.55 -3.99
CA ASP A 294 23.09 9.62 -4.33
C ASP A 294 21.78 10.34 -4.73
N GLU A 295 21.90 11.45 -5.44
CA GLU A 295 20.78 12.07 -6.09
C GLU A 295 20.67 11.48 -7.49
N LEU A 296 19.44 11.29 -7.97
CA LEU A 296 19.20 10.89 -9.36
C LEU A 296 19.43 12.07 -10.28
N VAL A 297 20.32 11.94 -11.25
CA VAL A 297 20.56 13.01 -12.20
C VAL A 297 19.76 12.74 -13.47
N ALA A 298 19.94 11.54 -14.00
CA ALA A 298 19.36 11.16 -15.27
C ALA A 298 19.31 9.65 -15.45
N LEU A 299 18.47 9.21 -16.38
CA LEU A 299 18.46 7.84 -16.87
C LEU A 299 19.15 7.82 -18.22
N GLY A 300 19.91 6.76 -18.48
CA GLY A 300 20.50 6.62 -19.79
C GLY A 300 20.75 5.19 -20.22
N LYS A 301 21.43 5.04 -21.34
CA LYS A 301 21.78 3.73 -21.87
C LYS A 301 23.29 3.63 -21.95
N ALA A 302 23.84 2.57 -21.38
CA ALA A 302 25.28 2.35 -21.41
C ALA A 302 25.80 2.11 -22.82
N MET A 303 26.84 2.85 -23.20
CA MET A 303 27.50 2.67 -24.48
C MET A 303 28.79 1.86 -24.27
N MET A 304 29.02 1.42 -23.05
CA MET A 304 30.21 0.66 -22.70
C MET A 304 29.87 -0.35 -21.63
N THR A 305 30.71 -1.37 -21.47
CA THR A 305 30.60 -2.25 -20.33
C THR A 305 31.28 -1.61 -19.11
N SER A 306 31.02 -2.16 -17.94
CA SER A 306 31.65 -1.67 -16.73
C SER A 306 33.17 -1.65 -16.86
N GLN A 307 33.73 -2.75 -17.35
CA GLN A 307 35.17 -2.85 -17.52
C GLN A 307 35.71 -1.82 -18.50
N GLU A 308 34.98 -1.57 -19.59
CA GLU A 308 35.38 -0.51 -20.51
C GLU A 308 35.37 0.85 -19.81
N MET A 309 34.24 1.23 -19.21
CA MET A 309 34.18 2.48 -18.46
C MET A 309 35.33 2.53 -17.46
N LEU A 310 35.61 1.40 -16.84
CA LEU A 310 36.63 1.35 -15.81
C LEU A 310 38.03 1.63 -16.37
N GLU A 311 38.43 0.91 -17.41
CA GLU A 311 39.82 1.02 -17.85
C GLU A 311 40.09 2.18 -18.81
N LYS A 312 39.09 2.61 -19.58
CA LYS A 312 39.29 3.69 -20.54
C LYS A 312 39.47 5.07 -19.88
N THR A 313 39.94 6.03 -20.66
CA THR A 313 40.16 7.39 -20.16
C THR A 313 39.45 8.46 -21.00
N LYS A 314 38.85 8.05 -22.11
CA LYS A 314 38.01 8.95 -22.91
C LYS A 314 36.88 8.18 -23.60
N GLY A 315 35.94 8.90 -24.20
CA GLY A 315 34.80 8.30 -24.88
C GLY A 315 33.51 8.44 -24.10
N ILE A 316 32.37 8.28 -24.78
CA ILE A 316 31.05 8.36 -24.14
C ILE A 316 30.71 7.05 -23.44
N ALA A 317 30.53 7.13 -22.12
CA ALA A 317 30.19 5.97 -21.31
C ALA A 317 28.68 5.70 -21.28
N VAL A 318 27.89 6.77 -21.19
CA VAL A 318 26.43 6.63 -21.11
C VAL A 318 25.72 7.66 -21.99
N ASP A 319 24.82 7.17 -22.84
CA ASP A 319 23.96 8.05 -23.65
C ASP A 319 22.81 8.52 -22.77
N VAL A 320 22.85 9.79 -22.36
CA VAL A 320 21.85 10.36 -21.46
C VAL A 320 20.50 10.58 -22.16
N GLU A 321 19.45 9.96 -21.63
CA GLU A 321 18.13 9.97 -22.27
C GLU A 321 17.05 10.76 -21.51
N LYS A 322 16.94 10.56 -20.21
CA LYS A 322 15.94 11.28 -19.41
C LYS A 322 16.61 11.99 -18.23
N VAL A 323 16.54 13.32 -18.21
CA VAL A 323 17.16 14.12 -17.17
C VAL A 323 16.14 14.56 -16.14
N PHE A 324 16.37 14.21 -14.87
CA PHE A 324 15.43 14.54 -13.81
C PHE A 324 15.90 15.69 -12.91
N MET A 325 17.20 15.78 -12.64
CA MET A 325 17.70 16.86 -11.80
C MET A 325 17.66 18.23 -12.50
N PRO A 326 17.12 19.25 -11.81
CA PRO A 326 17.10 20.60 -12.40
C PRO A 326 18.51 21.12 -12.73
N ARG A 327 18.58 22.01 -13.71
CA ARG A 327 19.85 22.50 -14.23
C ARG A 327 20.60 23.43 -13.27
N ASP A 328 19.90 23.90 -12.25
CA ASP A 328 20.48 24.88 -11.33
C ASP A 328 20.80 24.31 -9.94
N TRP A 329 20.84 22.98 -9.81
CA TRP A 329 21.26 22.38 -8.54
C TRP A 329 22.78 22.38 -8.41
N TYR A 330 23.48 22.15 -9.52
CA TYR A 330 24.94 22.19 -9.53
C TYR A 330 25.37 23.28 -10.49
N PRO A 331 26.48 23.98 -10.18
CA PRO A 331 26.95 25.09 -11.02
C PRO A 331 27.51 24.56 -12.33
N LYS A 332 27.53 25.40 -13.36
CA LYS A 332 28.10 25.02 -14.64
C LYS A 332 29.62 25.08 -14.63
N LEU A 333 30.24 24.05 -14.07
CA LEU A 333 31.69 24.01 -13.89
C LEU A 333 32.48 23.87 -15.19
N TRP A 334 31.79 23.77 -16.32
CA TRP A 334 32.50 23.67 -17.59
C TRP A 334 32.82 25.06 -18.14
N PHE B 3 -13.76 -10.84 1.57
CA PHE B 3 -12.32 -10.99 1.33
C PHE B 3 -11.73 -12.01 2.28
N ARG B 4 -10.90 -12.91 1.76
CA ARG B 4 -10.43 -14.01 2.56
C ARG B 4 -8.94 -13.95 2.90
N ILE B 5 -8.14 -13.33 2.04
CA ILE B 5 -6.71 -13.24 2.29
C ILE B 5 -6.43 -12.41 3.53
N ARG B 6 -5.70 -12.98 4.47
CA ARG B 6 -5.33 -12.27 5.69
C ARG B 6 -3.81 -12.21 5.80
N LYS B 7 -3.31 -11.32 6.64
CA LYS B 7 -1.88 -11.28 6.94
C LYS B 7 -1.56 -11.00 8.39
N CYS B 8 -0.49 -11.63 8.88
CA CYS B 8 -0.02 -11.46 10.24
C CYS B 8 0.61 -10.07 10.37
N PRO B 9 0.16 -9.24 11.35
CA PRO B 9 0.80 -7.93 11.53
C PRO B 9 2.24 -8.05 12.10
N LYS B 10 2.58 -9.21 12.64
CA LYS B 10 3.89 -9.50 13.24
C LYS B 10 4.79 -10.26 12.25
N CYS B 11 4.32 -11.45 11.83
CA CYS B 11 4.96 -12.37 10.86
C CYS B 11 5.19 -11.67 9.47
N GLY B 12 4.18 -10.94 8.98
CA GLY B 12 4.10 -10.61 7.57
C GLY B 12 3.53 -11.81 6.78
N ARG B 13 3.33 -12.93 7.46
CA ARG B 13 2.80 -14.13 6.82
C ARG B 13 1.39 -13.93 6.23
N TYR B 14 1.18 -14.39 4.99
CA TYR B 14 -0.15 -14.41 4.38
C TYR B 14 -0.81 -15.75 4.68
N THR B 15 -2.07 -15.72 5.07
CA THR B 15 -2.73 -16.92 5.56
C THR B 15 -4.21 -16.68 5.36
N LEU B 16 -5.01 -17.76 5.35
CA LEU B 16 -6.47 -17.64 5.43
C LEU B 16 -6.94 -17.81 6.87
N LYS B 17 -6.04 -18.14 7.79
CA LYS B 17 -6.45 -18.39 9.19
C LYS B 17 -6.53 -17.08 10.00
N GLU B 18 -7.30 -17.10 11.09
CA GLU B 18 -7.37 -15.94 11.98
C GLU B 18 -6.18 -15.86 12.95
N VAL B 19 -5.50 -16.97 13.19
CA VAL B 19 -4.25 -16.90 13.96
C VAL B 19 -3.06 -17.40 13.14
N CYS B 20 -2.00 -16.60 13.14
CA CYS B 20 -0.82 -16.82 12.30
C CYS B 20 -0.20 -18.20 12.59
N PRO B 21 -0.03 -19.01 11.54
CA PRO B 21 0.53 -20.38 11.69
C PRO B 21 2.01 -20.32 12.08
N VAL B 22 2.61 -19.15 11.91
CA VAL B 22 4.01 -18.92 12.29
C VAL B 22 4.11 -18.15 13.62
N CYS B 23 3.69 -16.87 13.60
CA CYS B 23 3.74 -15.95 14.76
C CYS B 23 2.83 -16.46 15.92
N GLY B 24 1.62 -16.91 15.59
CA GLY B 24 0.61 -17.20 16.58
C GLY B 24 -0.26 -15.96 16.87
N GLU B 25 0.11 -14.83 16.27
CA GLU B 25 -0.65 -13.57 16.44
C GLU B 25 -1.98 -13.55 15.66
N LYS B 26 -2.96 -12.81 16.17
CA LYS B 26 -4.20 -12.59 15.42
C LYS B 26 -3.90 -11.95 14.07
N THR B 27 -4.50 -12.47 13.02
CA THR B 27 -4.26 -11.92 11.69
C THR B 27 -5.32 -10.87 11.34
N LYS B 28 -4.99 -10.05 10.36
CA LYS B 28 -5.91 -9.01 9.87
C LYS B 28 -6.13 -9.14 8.37
N VAL B 29 -7.31 -8.71 7.91
CA VAL B 29 -7.64 -8.63 6.49
C VAL B 29 -6.54 -7.92 5.71
N ALA B 30 -6.14 -8.51 4.59
CA ALA B 30 -4.96 -8.04 3.85
C ALA B 30 -5.19 -6.82 2.96
N HIS B 31 -6.41 -6.65 2.47
CA HIS B 31 -6.73 -5.49 1.65
C HIS B 31 -6.97 -4.24 2.51
N PRO B 32 -6.56 -3.06 2.02
CA PRO B 32 -6.84 -1.79 2.69
C PRO B 32 -8.32 -1.46 2.64
N PRO B 33 -8.83 -0.60 3.54
CA PRO B 33 -10.25 -0.23 3.55
C PRO B 33 -10.59 0.54 2.28
N ARG B 34 -11.82 0.38 1.81
CA ARG B 34 -12.22 1.11 0.61
C ARG B 34 -12.24 2.62 0.89
N PHE B 35 -11.91 3.43 -0.11
CA PHE B 35 -11.77 4.87 0.07
C PHE B 35 -12.67 5.61 -0.90
N SER B 36 -13.27 6.71 -0.45
CA SER B 36 -14.13 7.57 -1.32
C SER B 36 -13.50 8.92 -1.53
N PRO B 37 -13.54 9.43 -2.77
CA PRO B 37 -13.06 10.78 -3.03
C PRO B 37 -13.88 11.79 -2.23
N GLU B 38 -15.14 11.46 -1.95
CA GLU B 38 -15.99 12.30 -1.12
C GLU B 38 -15.56 12.25 0.36
N ASP B 39 -15.14 11.07 0.83
CA ASP B 39 -14.61 10.91 2.19
C ASP B 39 -15.51 11.60 3.23
N PRO B 40 -16.78 11.17 3.31
CA PRO B 40 -17.80 11.88 4.12
C PRO B 40 -17.44 12.00 5.61
N TYR B 41 -16.73 11.03 6.17
CA TYR B 41 -16.38 11.09 7.59
C TYR B 41 -14.91 11.41 7.84
N GLY B 42 -14.23 11.93 6.82
CA GLY B 42 -12.82 12.23 6.95
C GLY B 42 -12.51 13.06 8.19
N GLU B 43 -13.35 14.05 8.47
CA GLU B 43 -13.14 14.97 9.57
C GLU B 43 -13.05 14.19 10.88
N TYR B 44 -13.93 13.19 11.02
CA TYR B 44 -14.00 12.42 12.25
C TYR B 44 -12.93 11.34 12.35
N ARG B 45 -12.60 10.72 11.22
CA ARG B 45 -11.50 9.78 11.24
C ARG B 45 -10.19 10.49 11.65
N ARG B 46 -9.99 11.73 11.18
CA ARG B 46 -8.78 12.48 11.49
C ARG B 46 -8.75 12.77 12.98
N ARG B 47 -9.91 13.08 13.53
CA ARG B 47 -10.02 13.34 14.96
C ARG B 47 -9.53 12.12 15.77
N TRP B 48 -9.99 10.92 15.39
CA TRP B 48 -9.56 9.67 16.03
C TRP B 48 -8.07 9.41 15.80
N LYS B 49 -7.58 9.77 14.62
CA LYS B 49 -6.21 9.45 14.24
C LYS B 49 -5.18 10.37 14.93
N ARG B 50 -5.52 11.66 15.04
CA ARG B 50 -4.67 12.60 15.78
C ARG B 50 -4.46 12.13 17.22
N GLU B 51 -5.55 11.73 17.86
CA GLU B 51 -5.50 11.19 19.20
C GLU B 51 -4.59 9.96 19.27
N VAL B 52 -4.80 8.99 18.37
CA VAL B 52 -3.92 7.81 18.30
C VAL B 52 -2.45 8.19 18.16
N LEU B 53 -2.15 9.20 17.34
CA LEU B 53 -0.76 9.60 17.09
C LEU B 53 -0.23 10.67 18.07
N GLY B 54 -1.08 11.17 18.95
CA GLY B 54 -0.67 12.20 19.89
C GLY B 54 -0.30 13.53 19.24
N ILE B 55 -1.03 13.87 18.18
CA ILE B 55 -0.81 15.13 17.48
C ILE B 55 -1.51 16.26 18.22
N LYS C 3 -6.63 -4.68 22.33
CA LYS C 3 -7.83 -4.51 21.51
C LYS C 3 -7.82 -3.20 20.69
N PRO C 4 -8.66 -3.12 19.65
CA PRO C 4 -8.58 -2.02 18.66
C PRO C 4 -8.56 -0.62 19.28
N SER C 5 -7.92 0.32 18.57
CA SER C 5 -7.71 1.67 19.07
C SER C 5 -8.99 2.50 19.13
N TYR C 6 -9.98 2.15 18.32
CA TYR C 6 -11.23 2.89 18.36
C TYR C 6 -12.05 2.50 19.59
N VAL C 7 -11.57 1.51 20.35
CA VAL C 7 -12.24 1.13 21.59
C VAL C 7 -11.72 2.00 22.73
N LYS C 8 -12.46 3.05 23.05
CA LYS C 8 -11.99 4.12 23.91
C LYS C 8 -12.06 3.81 25.42
N PHE C 9 -12.73 2.72 25.79
CA PHE C 9 -12.81 2.32 27.20
C PHE C 9 -13.27 0.87 27.42
N GLU C 10 -13.05 0.38 28.63
CA GLU C 10 -13.40 -1.00 29.01
C GLU C 10 -14.85 -1.15 29.44
N VAL C 11 -15.58 -2.02 28.74
CA VAL C 11 -16.96 -2.32 29.11
C VAL C 11 -17.03 -3.73 29.71
N PRO C 12 -17.49 -3.81 30.98
CA PRO C 12 -17.67 -5.07 31.72
C PRO C 12 -18.63 -6.04 31.04
N LYS C 13 -18.39 -7.33 31.20
CA LYS C 13 -19.24 -8.36 30.58
C LYS C 13 -20.73 -8.13 30.84
N GLU C 14 -21.06 -7.75 32.08
CA GLU C 14 -22.44 -7.47 32.46
C GLU C 14 -23.04 -6.38 31.58
N LEU C 15 -22.36 -5.25 31.50
CA LEU C 15 -22.87 -4.09 30.77
C LEU C 15 -23.03 -4.41 29.29
N ALA C 16 -22.05 -5.12 28.73
CA ALA C 16 -22.09 -5.50 27.32
C ALA C 16 -23.30 -6.34 27.02
N GLU C 17 -23.61 -7.27 27.92
CA GLU C 17 -24.77 -8.14 27.76
C GLU C 17 -26.07 -7.35 27.79
N LYS C 18 -26.11 -6.29 28.59
CA LYS C 18 -27.28 -5.42 28.64
C LYS C 18 -27.48 -4.69 27.33
N ALA C 19 -26.38 -4.21 26.73
CA ALA C 19 -26.44 -3.53 25.44
C ALA C 19 -27.14 -4.39 24.40
N LEU C 20 -26.76 -5.66 24.32
CA LEU C 20 -27.40 -6.58 23.39
C LEU C 20 -28.88 -6.74 23.71
N GLN C 21 -29.21 -6.78 25.00
CA GLN C 21 -30.60 -6.88 25.45
C GLN C 21 -31.40 -5.67 24.97
N ALA C 22 -30.89 -4.48 25.23
CA ALA C 22 -31.53 -3.26 24.77
C ALA C 22 -31.84 -3.29 23.28
N VAL C 23 -30.84 -3.64 22.48
CA VAL C 23 -30.99 -3.73 21.04
C VAL C 23 -32.10 -4.72 20.68
N GLU C 24 -32.09 -5.87 21.37
CA GLU C 24 -33.03 -6.95 21.11
C GLU C 24 -34.45 -6.51 21.42
N ILE C 25 -34.61 -5.84 22.56
CA ILE C 25 -35.90 -5.35 23.00
C ILE C 25 -36.36 -4.17 22.14
N ALA C 26 -35.46 -3.21 21.91
CA ALA C 26 -35.78 -2.05 21.09
C ALA C 26 -36.19 -2.43 19.67
N ARG C 27 -35.74 -3.59 19.19
CA ARG C 27 -35.99 -3.99 17.81
C ARG C 27 -37.45 -4.34 17.50
N ASP C 28 -38.06 -5.17 18.35
CA ASP C 28 -39.43 -5.61 18.10
C ASP C 28 -40.48 -4.79 18.85
N THR C 29 -40.04 -3.98 19.82
CA THR C 29 -40.94 -3.11 20.56
C THR C 29 -40.70 -1.62 20.30
N GLY C 30 -39.66 -1.31 19.54
CA GLY C 30 -39.33 0.07 19.22
C GLY C 30 -38.70 0.22 17.84
N LYS C 31 -37.69 1.07 17.74
CA LYS C 31 -37.07 1.32 16.44
C LYS C 31 -35.55 1.33 16.54
N ILE C 32 -34.89 0.49 15.74
CA ILE C 32 -33.43 0.55 15.60
C ILE C 32 -32.99 0.62 14.14
N ARG C 33 -31.74 1.02 13.94
CA ARG C 33 -31.10 0.97 12.62
C ARG C 33 -29.82 0.17 12.75
N LYS C 34 -29.52 -0.61 11.73
CA LYS C 34 -28.45 -1.62 11.81
C LYS C 34 -27.52 -1.47 10.61
N GLY C 35 -26.23 -1.68 10.83
CA GLY C 35 -25.25 -1.41 9.80
C GLY C 35 -24.67 -0.01 10.02
N THR C 36 -23.40 0.17 9.68
CA THR C 36 -22.69 1.37 10.03
C THR C 36 -23.16 2.58 9.22
N ASN C 37 -23.65 2.36 8.01
CA ASN C 37 -24.11 3.50 7.24
C ASN C 37 -25.38 4.09 7.84
N GLU C 38 -26.33 3.22 8.22
CA GLU C 38 -27.56 3.69 8.83
C GLU C 38 -27.29 4.20 10.24
N THR C 39 -26.43 3.51 10.96
CA THR C 39 -26.03 3.97 12.29
C THR C 39 -25.46 5.40 12.20
N THR C 40 -24.57 5.63 11.24
CA THR C 40 -23.95 6.93 11.10
C THR C 40 -24.97 8.02 10.71
N LYS C 41 -25.82 7.74 9.73
CA LYS C 41 -26.89 8.65 9.34
C LYS C 41 -27.78 9.01 10.54
N ALA C 42 -28.05 8.04 11.40
CA ALA C 42 -28.90 8.25 12.57
C ALA C 42 -28.25 9.20 13.57
N VAL C 43 -26.95 9.07 13.77
CA VAL C 43 -26.23 9.99 14.63
C VAL C 43 -26.17 11.39 14.01
N GLU C 44 -26.00 11.47 12.69
CA GLU C 44 -25.88 12.75 11.98
C GLU C 44 -27.19 13.53 11.95
N ARG C 45 -28.29 12.81 11.76
CA ARG C 45 -29.63 13.40 11.73
C ARG C 45 -30.18 13.63 13.14
N GLY C 46 -29.41 13.22 14.15
CA GLY C 46 -29.86 13.36 15.52
C GLY C 46 -31.11 12.55 15.79
N GLN C 47 -31.01 11.23 15.65
CA GLN C 47 -32.15 10.34 15.85
C GLN C 47 -31.77 9.19 16.78
N ALA C 48 -30.46 8.98 16.93
CA ALA C 48 -29.93 7.88 17.73
C ALA C 48 -29.96 8.21 19.21
N LYS C 49 -30.58 7.35 20.01
CA LYS C 49 -30.59 7.52 21.46
C LYS C 49 -29.40 6.80 22.08
N LEU C 50 -28.89 5.80 21.37
CA LEU C 50 -27.75 5.02 21.83
C LEU C 50 -27.08 4.32 20.66
N VAL C 51 -25.75 4.34 20.63
CA VAL C 51 -25.01 3.66 19.58
C VAL C 51 -24.25 2.46 20.14
N ILE C 52 -24.38 1.32 19.47
CA ILE C 52 -23.70 0.10 19.91
C ILE C 52 -22.63 -0.30 18.90
N ILE C 53 -21.38 -0.37 19.35
CA ILE C 53 -20.27 -0.64 18.44
C ILE C 53 -19.55 -1.97 18.78
N ALA C 54 -19.39 -2.83 17.78
CA ALA C 54 -18.68 -4.09 17.94
C ALA C 54 -17.17 -3.88 18.12
N GLU C 55 -16.54 -4.70 18.96
CA GLU C 55 -15.12 -4.56 19.30
C GLU C 55 -14.18 -5.32 18.35
N ASP C 56 -14.75 -6.12 17.46
CA ASP C 56 -13.96 -6.94 16.55
C ASP C 56 -14.04 -6.50 15.09
N VAL C 57 -14.12 -5.18 14.87
CA VAL C 57 -14.28 -4.69 13.51
C VAL C 57 -12.93 -4.48 12.84
N ASP C 58 -12.78 -5.02 11.63
CA ASP C 58 -11.48 -5.03 10.95
C ASP C 58 -11.74 -4.90 9.46
N PRO C 59 -11.27 -3.80 8.84
CA PRO C 59 -10.41 -2.71 9.31
C PRO C 59 -11.10 -1.75 10.29
N GLU C 60 -10.34 -1.18 11.22
CA GLU C 60 -10.90 -0.26 12.20
C GLU C 60 -11.60 0.95 11.55
N GLU C 61 -11.14 1.35 10.36
CA GLU C 61 -11.69 2.53 9.68
C GLU C 61 -13.21 2.42 9.38
N ILE C 62 -13.75 1.20 9.40
CA ILE C 62 -15.18 0.98 9.18
C ILE C 62 -16.05 1.69 10.25
N VAL C 63 -15.59 1.68 11.51
CA VAL C 63 -16.36 2.29 12.60
C VAL C 63 -15.62 3.34 13.42
N ALA C 64 -14.37 3.63 13.08
CA ALA C 64 -13.53 4.44 13.96
C ALA C 64 -13.97 5.90 14.02
N HIS C 65 -14.73 6.34 13.03
CA HIS C 65 -15.29 7.69 13.04
C HIS C 65 -16.43 7.83 14.05
N LEU C 66 -17.04 6.72 14.47
CA LEU C 66 -18.25 6.80 15.29
C LEU C 66 -18.04 7.44 16.65
N PRO C 67 -17.03 6.97 17.41
CA PRO C 67 -16.91 7.58 18.73
C PRO C 67 -16.70 9.09 18.66
N PRO C 68 -15.83 9.60 17.78
CA PRO C 68 -15.72 11.07 17.73
C PRO C 68 -17.01 11.75 17.27
N LEU C 69 -17.72 11.11 16.35
CA LEU C 69 -18.92 11.67 15.78
C LEU C 69 -20.01 11.70 16.86
N CYS C 70 -20.06 10.65 17.68
CA CYS C 70 -21.05 10.57 18.74
C CYS C 70 -20.83 11.65 19.79
N GLU C 71 -19.59 11.86 20.21
CA GLU C 71 -19.29 12.85 21.23
C GLU C 71 -19.58 14.26 20.73
N GLU C 72 -19.40 14.45 19.43
CA GLU C 72 -19.74 15.70 18.78
C GLU C 72 -21.22 15.97 18.97
N LYS C 73 -22.03 15.02 18.52
CA LYS C 73 -23.47 15.09 18.65
C LYS C 73 -23.95 14.77 20.08
N GLU C 74 -23.00 14.53 20.98
CA GLU C 74 -23.28 14.19 22.38
C GLU C 74 -24.26 13.03 22.56
N ILE C 75 -23.97 11.93 21.87
CA ILE C 75 -24.83 10.74 21.90
C ILE C 75 -24.06 9.58 22.51
N PRO C 76 -24.68 8.88 23.48
CA PRO C 76 -23.98 7.82 24.21
C PRO C 76 -23.64 6.64 23.31
N TYR C 77 -22.43 6.13 23.45
CA TYR C 77 -22.08 4.93 22.70
C TYR C 77 -21.47 3.90 23.62
N ILE C 78 -21.66 2.63 23.28
CA ILE C 78 -21.15 1.55 24.09
C ILE C 78 -20.66 0.42 23.20
N TYR C 79 -19.73 -0.38 23.72
CA TYR C 79 -19.16 -1.48 22.96
C TYR C 79 -19.69 -2.86 23.39
N VAL C 80 -19.81 -3.75 22.41
CA VAL C 80 -20.07 -5.16 22.65
C VAL C 80 -18.98 -5.94 21.92
N PRO C 81 -18.68 -7.16 22.38
CA PRO C 81 -17.51 -7.92 21.90
C PRO C 81 -17.60 -8.43 20.48
N SER C 82 -18.80 -8.72 19.98
CA SER C 82 -18.93 -9.46 18.73
C SER C 82 -19.90 -8.87 17.70
N LYS C 83 -19.38 -8.55 16.53
CA LYS C 83 -20.24 -8.04 15.46
C LYS C 83 -21.28 -9.09 15.04
N LYS C 84 -20.92 -10.36 15.08
CA LYS C 84 -21.84 -11.43 14.66
C LYS C 84 -23.04 -11.47 15.60
N GLU C 85 -22.74 -11.36 16.89
CA GLU C 85 -23.75 -11.42 17.93
C GLU C 85 -24.60 -10.14 17.99
N LEU C 86 -23.99 -9.01 17.64
CA LEU C 86 -24.71 -7.74 17.57
C LEU C 86 -25.69 -7.79 16.40
N GLY C 87 -25.26 -8.44 15.32
CA GLY C 87 -26.12 -8.66 14.17
C GLY C 87 -27.37 -9.46 14.54
N ALA C 88 -27.17 -10.57 15.23
CA ALA C 88 -28.29 -11.43 15.61
C ALA C 88 -29.33 -10.68 16.45
N ALA C 89 -28.85 -9.94 17.44
CA ALA C 89 -29.71 -9.10 18.27
C ALA C 89 -30.49 -8.06 17.45
N ALA C 90 -29.84 -7.52 16.43
CA ALA C 90 -30.48 -6.52 15.57
C ALA C 90 -31.49 -7.15 14.63
N GLY C 91 -31.56 -8.48 14.63
CA GLY C 91 -32.61 -9.18 13.93
C GLY C 91 -32.24 -9.57 12.52
N ILE C 92 -30.95 -9.72 12.27
CA ILE C 92 -30.48 -10.18 10.97
C ILE C 92 -29.48 -11.31 11.15
N GLU C 93 -29.31 -12.13 10.10
CA GLU C 93 -28.45 -13.31 10.19
C GLU C 93 -26.99 -13.04 9.80
N VAL C 94 -26.69 -11.79 9.46
CA VAL C 94 -25.34 -11.36 9.15
C VAL C 94 -24.80 -10.52 10.31
N ALA C 95 -23.49 -10.26 10.33
CA ALA C 95 -22.92 -9.42 11.37
C ALA C 95 -23.37 -7.96 11.22
N ALA C 96 -23.20 -7.21 12.30
CA ALA C 96 -23.47 -5.78 12.30
C ALA C 96 -22.33 -5.10 13.06
N ALA C 97 -21.54 -4.27 12.37
CA ALA C 97 -20.41 -3.61 13.02
C ALA C 97 -20.86 -2.54 14.03
N SER C 98 -22.10 -2.07 13.85
CA SER C 98 -22.64 -1.03 14.70
C SER C 98 -24.16 -0.95 14.56
N VAL C 99 -24.81 -0.47 15.61
CA VAL C 99 -26.26 -0.36 15.65
C VAL C 99 -26.64 0.92 16.37
N ALA C 100 -27.76 1.51 15.96
CA ALA C 100 -28.29 2.68 16.65
C ALA C 100 -29.72 2.39 17.10
N ILE C 101 -29.99 2.60 18.37
CA ILE C 101 -31.36 2.56 18.89
C ILE C 101 -32.01 3.93 18.67
N ILE C 102 -33.08 3.95 17.88
CA ILE C 102 -33.77 5.21 17.55
C ILE C 102 -34.86 5.50 18.56
N GLU C 103 -35.69 4.48 18.81
CA GLU C 103 -36.68 4.54 19.89
C GLU C 103 -36.57 3.27 20.73
N PRO C 104 -36.29 3.45 22.05
CA PRO C 104 -35.99 2.35 22.97
C PRO C 104 -37.15 1.36 23.15
N GLY C 105 -38.37 1.88 23.27
CA GLY C 105 -39.52 1.04 23.57
C GLY C 105 -39.44 0.47 24.98
N LYS C 106 -39.61 -0.85 25.09
CA LYS C 106 -39.56 -1.51 26.40
C LYS C 106 -38.17 -1.42 27.05
N ALA C 107 -37.24 -0.72 26.40
CA ALA C 107 -35.88 -0.65 26.90
C ALA C 107 -35.51 0.74 27.39
N ARG C 108 -36.51 1.60 27.58
CA ARG C 108 -36.25 2.97 28.05
C ARG C 108 -35.36 2.99 29.28
N ASP C 109 -35.68 2.14 30.25
CA ASP C 109 -34.92 2.07 31.50
C ASP C 109 -33.52 1.50 31.29
N LEU C 110 -33.45 0.41 30.51
CA LEU C 110 -32.17 -0.22 30.23
C LEU C 110 -31.23 0.76 29.53
N VAL C 111 -31.76 1.44 28.53
CA VAL C 111 -31.01 2.45 27.79
C VAL C 111 -30.58 3.61 28.69
N GLU C 112 -31.46 3.99 29.61
CA GLU C 112 -31.14 5.05 30.55
C GLU C 112 -30.02 4.63 31.49
N GLU C 113 -30.05 3.37 31.91
CA GLU C 113 -29.03 2.82 32.80
C GLU C 113 -27.67 2.82 32.11
N ILE C 114 -27.62 2.20 30.93
CA ILE C 114 -26.39 2.07 30.17
C ILE C 114 -25.70 3.43 30.00
N ALA C 115 -26.46 4.43 29.57
CA ALA C 115 -25.94 5.77 29.35
C ALA C 115 -25.23 6.31 30.58
N MET C 116 -25.69 5.89 31.76
CA MET C 116 -25.14 6.36 33.02
C MET C 116 -23.79 5.72 33.36
N LYS C 117 -23.65 4.44 33.04
CA LYS C 117 -22.41 3.75 33.34
C LYS C 117 -21.30 4.17 32.38
N VAL C 118 -21.65 4.37 31.11
CA VAL C 118 -20.67 4.83 30.13
C VAL C 118 -20.19 6.22 30.48
N LYS C 119 -21.13 7.07 30.89
CA LYS C 119 -20.81 8.41 31.35
C LYS C 119 -19.67 8.35 32.37
N GLU C 120 -19.72 7.34 33.23
CA GLU C 120 -18.69 7.13 34.25
C GLU C 120 -17.37 6.66 33.65
N LEU C 121 -17.47 5.80 32.64
CA LEU C 121 -16.29 5.22 32.01
C LEU C 121 -15.51 6.23 31.16
N MET C 122 -16.24 7.18 30.55
CA MET C 122 -15.61 8.20 29.72
C MET C 122 -14.48 8.92 30.46
#